data_6FNJ
#
_entry.id   6FNJ
#
_cell.length_a   54.820
_cell.length_b   87.690
_cell.length_c   81.742
_cell.angle_alpha   90.00
_cell.angle_beta   104.95
_cell.angle_gamma   90.00
#
_symmetry.space_group_name_H-M   'P 1 21 1'
#
loop_
_entity.id
_entity.type
_entity.pdbx_description
1 polymer 'Ephrin type-B receptor 4'
2 non-polymer 4-methyl-3-[(2-methyl-6-pyridin-3-yl-pyrazolo[3,4-d]pyrimidin-4-yl)amino]-~{N}-[3-(trifluoromethyl)phenyl]benzamide
3 non-polymer 1,2-ETHANEDIOL
4 water water
#
_entity_poly.entity_id   1
_entity_poly.type   'polypeptide(L)'
_entity_poly.pdbx_seq_one_letter_code
;GMDPNEAVREFAKEIDVSYVKIEEVIGAGEFGEVCRGRLKAPGKKESCVAIKTLKGGYTERQRREFLSEASIMGQFEHPN
IIRLEGVVTNSMPVMILTEFMENGALDSFLRLNDGQFTVIQLVGMLRGIASGMRYLAEMSYVHRDLAARNILVNSNLVCK
VSDFGLSRFLEENSSDPTETSSLGGKIPIRWTAPEAIAFRKFTSASDVWSYGIVMWEVMSFGERPYWDMSNQDVINAIEQ
DYRLPPPPDCPTSLHQLMLDCWQKDRNARPRFPQIVSALDKMIRNPASLKIVARENG
;
_entity_poly.pdbx_strand_id   A,B
#
loop_
_chem_comp.id
_chem_comp.type
_chem_comp.name
_chem_comp.formula
DWT non-polymer 4-methyl-3-[(2-methyl-6-pyridin-3-yl-pyrazolo[3,4-d]pyrimidin-4-yl)amino]-~{N}-[3-(trifluoromethyl)phenyl]benzamide 'C26 H20 F3 N7 O'
EDO non-polymer 1,2-ETHANEDIOL 'C2 H6 O2'
#
# COMPACT_ATOMS: atom_id res chain seq x y z
N ALA A 12 10.91 -18.64 -26.38
CA ALA A 12 9.69 -18.82 -27.17
C ALA A 12 9.77 -20.06 -28.05
N LYS A 13 8.70 -20.86 -28.01
CA LYS A 13 8.65 -22.12 -28.76
C LYS A 13 8.57 -21.83 -30.25
N GLU A 14 9.43 -22.48 -31.03
CA GLU A 14 9.39 -22.35 -32.47
C GLU A 14 8.28 -23.22 -33.02
N ILE A 15 7.41 -22.62 -33.83
CA ILE A 15 6.27 -23.32 -34.42
C ILE A 15 6.54 -23.48 -35.91
N ASP A 16 6.40 -24.70 -36.40
CA ASP A 16 6.57 -24.95 -37.81
C ASP A 16 5.44 -24.32 -38.59
N VAL A 17 5.77 -23.54 -39.62
CA VAL A 17 4.75 -22.80 -40.36
C VAL A 17 3.71 -23.73 -40.99
N SER A 18 4.05 -25.00 -41.23
CA SER A 18 3.05 -25.89 -41.82
C SER A 18 1.87 -26.12 -40.89
N TYR A 19 2.01 -25.82 -39.60
CA TYR A 19 0.92 -25.96 -38.64
C TYR A 19 0.05 -24.71 -38.54
N VAL A 20 0.36 -23.66 -39.28
CA VAL A 20 -0.31 -22.37 -39.15
C VAL A 20 -1.11 -22.07 -40.41
N LYS A 21 -2.33 -21.58 -40.22
CA LYS A 21 -3.15 -21.07 -41.32
C LYS A 21 -3.70 -19.71 -40.93
N ILE A 22 -3.66 -18.77 -41.86
CA ILE A 22 -4.18 -17.42 -41.66
C ILE A 22 -5.56 -17.31 -42.27
N GLU A 23 -6.52 -16.83 -41.47
CA GLU A 23 -7.92 -16.83 -41.89
C GLU A 23 -8.54 -15.47 -42.12
N GLU A 24 -8.00 -14.41 -41.52
CA GLU A 24 -8.55 -13.07 -41.72
C GLU A 24 -7.59 -12.06 -41.12
N VAL A 25 -7.39 -10.96 -41.82
CA VAL A 25 -6.62 -9.84 -41.28
C VAL A 25 -7.56 -8.99 -40.43
N ILE A 26 -7.21 -8.81 -39.16
CA ILE A 26 -8.06 -8.08 -38.22
C ILE A 26 -7.45 -6.75 -37.79
N GLY A 27 -6.23 -6.45 -38.18
CA GLY A 27 -5.61 -5.20 -37.78
C GLY A 27 -4.30 -4.97 -38.51
N ALA A 28 -3.61 -3.92 -38.09
CA ALA A 28 -2.33 -3.53 -38.70
C ALA A 28 -1.40 -3.02 -37.60
N GLY A 29 -0.29 -3.72 -37.40
CA GLY A 29 0.71 -3.30 -36.43
C GLY A 29 1.73 -2.36 -37.03
N GLU A 30 2.79 -2.11 -36.27
CA GLU A 30 3.84 -1.21 -36.70
C GLU A 30 4.75 -1.84 -37.75
N PHE A 31 4.81 -3.16 -37.78
CA PHE A 31 5.68 -3.88 -38.72
C PHE A 31 4.92 -4.73 -39.73
N GLY A 32 3.60 -4.85 -39.60
CA GLY A 32 2.84 -5.69 -40.51
C GLY A 32 1.38 -5.80 -40.14
N GLU A 33 0.86 -7.03 -40.12
CA GLU A 33 -0.55 -7.27 -39.92
C GLU A 33 -0.80 -7.96 -38.58
N VAL A 34 -2.06 -7.89 -38.16
CA VAL A 34 -2.59 -8.74 -37.10
C VAL A 34 -3.70 -9.58 -37.71
N CYS A 35 -3.66 -10.89 -37.47
CA CYS A 35 -4.58 -11.80 -38.12
C CYS A 35 -5.17 -12.77 -37.12
N ARG A 36 -6.31 -13.32 -37.49
CA ARG A 36 -6.87 -14.49 -36.84
C ARG A 36 -6.47 -15.70 -37.65
N GLY A 37 -6.13 -16.79 -36.97
CA GLY A 37 -5.73 -17.99 -37.68
C GLY A 37 -5.95 -19.24 -36.88
N ARG A 38 -5.43 -20.35 -37.41
CA ARG A 38 -5.56 -21.65 -36.77
C ARG A 38 -4.21 -22.34 -36.64
N LEU A 39 -4.01 -22.97 -35.49
CA LEU A 39 -2.79 -23.70 -35.17
C LEU A 39 -3.16 -25.16 -34.99
N LYS A 40 -2.54 -26.04 -35.78
CA LYS A 40 -2.82 -27.48 -35.74
C LYS A 40 -1.47 -28.19 -35.71
N ALA A 41 -0.96 -28.44 -34.51
CA ALA A 41 0.30 -29.12 -34.26
C ALA A 41 0.07 -30.63 -34.27
N PRO A 42 1.13 -31.43 -34.48
CA PRO A 42 0.92 -32.88 -34.70
C PRO A 42 0.12 -33.61 -33.63
N GLY A 43 0.47 -33.41 -32.35
CA GLY A 43 -0.16 -34.18 -31.29
C GLY A 43 -1.45 -33.59 -30.74
N LYS A 44 -1.59 -32.27 -30.83
CA LYS A 44 -2.67 -31.57 -30.15
C LYS A 44 -3.86 -31.32 -31.08
N LYS A 45 -4.94 -30.84 -30.48
CA LYS A 45 -6.11 -30.41 -31.22
C LYS A 45 -5.87 -29.03 -31.84
N GLU A 46 -6.65 -28.71 -32.87
CA GLU A 46 -6.52 -27.42 -33.54
C GLU A 46 -7.16 -26.31 -32.70
N SER A 47 -6.45 -25.19 -32.57
CA SER A 47 -6.96 -24.06 -31.83
C SER A 47 -6.93 -22.80 -32.69
N CYS A 48 -7.70 -21.80 -32.27
N CYS A 48 -7.73 -21.82 -32.29
CA CYS A 48 -7.70 -20.49 -32.91
CA CYS A 48 -7.67 -20.51 -32.90
C CYS A 48 -6.62 -19.63 -32.26
C CYS A 48 -6.51 -19.73 -32.28
N VAL A 49 -5.86 -18.91 -33.09
CA VAL A 49 -4.76 -18.09 -32.62
C VAL A 49 -4.88 -16.70 -33.19
N ALA A 50 -4.32 -15.73 -32.46
CA ALA A 50 -4.07 -14.42 -33.02
C ALA A 50 -2.61 -14.36 -33.44
N ILE A 51 -2.35 -13.67 -34.55
CA ILE A 51 -1.04 -13.69 -35.17
C ILE A 51 -0.59 -12.28 -35.50
N LYS A 52 0.60 -11.91 -35.06
CA LYS A 52 1.25 -10.70 -35.53
C LYS A 52 2.28 -11.11 -36.58
N THR A 53 2.24 -10.46 -37.73
CA THR A 53 3.14 -10.78 -38.83
C THR A 53 4.14 -9.68 -39.16
N LEU A 54 5.26 -10.11 -39.72
CA LEU A 54 6.35 -9.23 -40.14
C LEU A 54 6.90 -9.89 -41.40
N LYS A 55 6.64 -9.30 -42.55
CA LYS A 55 7.13 -9.89 -43.79
C LYS A 55 7.56 -8.84 -44.80
N GLY A 56 8.25 -9.30 -45.84
CA GLY A 56 8.73 -8.42 -46.87
C GLY A 56 10.18 -8.02 -46.72
N GLY A 57 10.48 -6.76 -47.01
CA GLY A 57 11.84 -6.27 -46.91
C GLY A 57 12.11 -5.49 -45.65
N TYR A 58 11.98 -6.14 -44.51
CA TYR A 58 12.37 -5.55 -43.24
C TYR A 58 13.88 -5.70 -43.05
N THR A 59 14.48 -4.71 -42.38
CA THR A 59 15.89 -4.84 -42.04
C THR A 59 16.07 -5.98 -41.03
N GLU A 60 17.31 -6.42 -40.89
CA GLU A 60 17.61 -7.43 -39.89
C GLU A 60 17.36 -6.91 -38.47
N ARG A 61 17.31 -5.61 -38.35
CA ARG A 61 17.11 -4.97 -37.07
C ARG A 61 15.68 -5.00 -36.69
N GLN A 62 14.85 -4.58 -37.61
CA GLN A 62 13.38 -4.63 -37.43
C GLN A 62 12.91 -6.03 -37.03
N ARG A 63 13.43 -7.06 -37.69
CA ARG A 63 13.09 -8.43 -37.33
C ARG A 63 13.35 -8.71 -35.86
N ARG A 64 14.45 -8.14 -35.38
CA ARG A 64 14.98 -8.28 -34.03
C ARG A 64 14.12 -7.58 -33.02
N GLU A 65 13.78 -6.36 -33.36
CA GLU A 65 12.86 -5.54 -32.60
C GLU A 65 11.49 -6.19 -32.57
N PHE A 66 11.06 -6.73 -33.71
CA PHE A 66 9.79 -7.47 -33.76
C PHE A 66 9.83 -8.68 -32.84
N LEU A 67 10.90 -9.46 -32.90
CA LEU A 67 10.98 -10.67 -32.10
C LEU A 67 11.25 -10.39 -30.63
N SER A 68 11.79 -9.22 -30.28
CA SER A 68 12.00 -8.90 -28.87
C SER A 68 10.70 -8.94 -28.09
N GLU A 69 9.59 -8.55 -28.73
CA GLU A 69 8.28 -8.65 -28.07
C GLU A 69 7.99 -10.07 -27.61
N ALA A 70 8.28 -11.06 -28.46
CA ALA A 70 8.03 -12.44 -28.06
C ALA A 70 8.93 -12.87 -26.91
N SER A 71 10.17 -12.38 -26.87
CA SER A 71 11.06 -12.70 -25.75
C SER A 71 10.49 -12.15 -24.45
N ILE A 72 9.96 -10.93 -24.49
CA ILE A 72 9.34 -10.33 -23.30
C ILE A 72 8.12 -11.13 -22.88
N MET A 73 7.21 -11.39 -23.84
CA MET A 73 5.96 -12.09 -23.53
C MET A 73 6.23 -13.49 -23.00
N GLY A 74 7.25 -14.15 -23.53
CA GLY A 74 7.55 -15.52 -23.13
C GLY A 74 7.89 -15.68 -21.66
N GLN A 75 8.26 -14.59 -20.99
CA GLN A 75 8.51 -14.65 -19.54
C GLN A 75 7.23 -14.84 -18.74
N PHE A 76 6.08 -14.46 -19.29
CA PHE A 76 4.85 -14.36 -18.52
C PHE A 76 4.07 -15.67 -18.62
N GLU A 77 3.73 -16.24 -17.46
CA GLU A 77 2.84 -17.40 -17.40
C GLU A 77 1.89 -17.16 -16.23
N HIS A 78 0.69 -16.68 -16.53
CA HIS A 78 -0.29 -16.35 -15.50
C HIS A 78 -1.66 -16.40 -16.14
N PRO A 79 -2.69 -16.84 -15.42
CA PRO A 79 -4.02 -16.96 -16.05
C PRO A 79 -4.62 -15.64 -16.51
N ASN A 80 -4.12 -14.50 -16.04
CA ASN A 80 -4.66 -13.21 -16.45
C ASN A 80 -3.69 -12.41 -17.29
N ILE A 81 -2.71 -13.07 -17.89
N ILE A 81 -2.77 -13.07 -17.98
CA ILE A 81 -1.79 -12.48 -18.86
CA ILE A 81 -1.89 -12.44 -18.95
C ILE A 81 -1.93 -13.29 -20.13
C ILE A 81 -1.95 -13.25 -20.23
N ILE A 82 -2.01 -12.59 -21.27
N ILE A 82 -2.00 -12.54 -21.36
CA ILE A 82 -2.17 -13.27 -22.55
CA ILE A 82 -2.13 -13.21 -22.65
C ILE A 82 -1.02 -14.25 -22.75
C ILE A 82 -1.00 -14.22 -22.81
N ARG A 83 -1.34 -15.42 -23.31
CA ARG A 83 -0.40 -16.52 -23.41
C ARG A 83 0.22 -16.57 -24.80
N LEU A 84 1.53 -16.46 -24.85
CA LEU A 84 2.26 -16.67 -26.10
C LEU A 84 2.22 -18.14 -26.49
N GLU A 85 1.78 -18.42 -27.72
CA GLU A 85 1.83 -19.79 -28.23
C GLU A 85 3.22 -20.12 -28.76
N GLY A 86 3.84 -19.16 -29.44
CA GLY A 86 5.17 -19.38 -29.98
C GLY A 86 5.41 -18.42 -31.13
N VAL A 87 6.50 -18.69 -31.85
CA VAL A 87 6.93 -17.83 -32.94
C VAL A 87 7.24 -18.67 -34.17
N VAL A 88 7.14 -18.04 -35.32
CA VAL A 88 7.60 -18.61 -36.58
C VAL A 88 8.76 -17.76 -37.06
N THR A 89 9.99 -18.31 -36.98
CA THR A 89 11.20 -17.57 -37.33
C THR A 89 12.08 -18.24 -38.38
N ASN A 90 11.87 -19.53 -38.67
CA ASN A 90 12.66 -20.22 -39.68
C ASN A 90 12.13 -20.00 -41.09
N SER A 91 11.05 -19.24 -41.25
CA SER A 91 10.45 -18.98 -42.55
C SER A 91 9.92 -17.55 -42.56
N MET A 92 9.49 -17.12 -43.74
CA MET A 92 8.87 -15.81 -43.93
C MET A 92 7.42 -16.07 -44.30
N PRO A 93 6.46 -15.31 -43.72
CA PRO A 93 6.58 -14.20 -42.77
C PRO A 93 7.03 -14.67 -41.40
N VAL A 94 7.70 -13.79 -40.68
CA VAL A 94 7.95 -14.01 -39.27
C VAL A 94 6.66 -13.72 -38.50
N MET A 95 6.37 -14.53 -37.49
CA MET A 95 5.07 -14.44 -36.81
C MET A 95 5.22 -14.60 -35.31
N ILE A 96 4.34 -13.93 -34.57
CA ILE A 96 4.13 -14.15 -33.15
C ILE A 96 2.69 -14.60 -32.98
N LEU A 97 2.49 -15.72 -32.29
CA LEU A 97 1.18 -16.33 -32.12
C LEU A 97 0.81 -16.30 -30.63
N THR A 98 -0.42 -15.88 -30.35
CA THR A 98 -1.00 -16.01 -29.02
C THR A 98 -2.32 -16.76 -29.12
N GLU A 99 -2.85 -17.13 -27.96
CA GLU A 99 -4.21 -17.62 -27.92
C GLU A 99 -5.15 -16.54 -28.45
N PHE A 100 -6.32 -16.98 -28.87
CA PHE A 100 -7.36 -16.11 -29.40
C PHE A 100 -8.49 -16.06 -28.37
N MET A 101 -8.97 -14.87 -28.08
CA MET A 101 -9.98 -14.66 -27.06
C MET A 101 -11.33 -14.36 -27.67
N GLU A 102 -12.31 -15.17 -27.36
CA GLU A 102 -13.59 -15.16 -28.10
C GLU A 102 -14.30 -13.82 -28.03
N ASN A 103 -14.19 -13.11 -26.92
CA ASN A 103 -14.94 -11.88 -26.73
C ASN A 103 -14.13 -10.63 -27.05
N GLY A 104 -12.90 -10.78 -27.54
CA GLY A 104 -12.10 -9.65 -27.97
C GLY A 104 -11.75 -8.70 -26.82
N ALA A 105 -11.57 -7.42 -27.18
CA ALA A 105 -11.13 -6.41 -26.23
C ALA A 105 -12.24 -6.07 -25.24
N LEU A 106 -11.82 -5.80 -24.00
CA LEU A 106 -12.77 -5.59 -22.91
C LEU A 106 -13.65 -4.36 -23.12
N ASP A 107 -13.09 -3.27 -23.63
CA ASP A 107 -13.89 -2.04 -23.71
C ASP A 107 -15.04 -2.20 -24.68
N SER A 108 -14.76 -2.76 -25.86
CA SER A 108 -15.81 -2.96 -26.86
C SER A 108 -16.77 -4.06 -26.44
N PHE A 109 -16.27 -5.09 -25.76
CA PHE A 109 -17.13 -6.14 -25.23
C PHE A 109 -18.16 -5.56 -24.25
N LEU A 110 -17.72 -4.71 -23.33
CA LEU A 110 -18.64 -4.14 -22.37
C LEU A 110 -19.61 -3.17 -23.03
N ARG A 111 -19.15 -2.40 -24.03
CA ARG A 111 -20.07 -1.48 -24.70
C ARG A 111 -21.17 -2.24 -25.42
N LEU A 112 -20.80 -3.34 -26.09
CA LEU A 112 -21.81 -4.15 -26.78
C LEU A 112 -22.80 -4.76 -25.80
N ASN A 113 -22.34 -5.10 -24.60
CA ASN A 113 -23.12 -5.78 -23.58
C ASN A 113 -23.44 -4.86 -22.41
N ASP A 114 -23.68 -3.59 -22.72
CA ASP A 114 -23.94 -2.56 -21.72
C ASP A 114 -25.04 -3.01 -20.77
N GLY A 115 -24.73 -2.97 -19.48
CA GLY A 115 -25.67 -3.28 -18.43
C GLY A 115 -25.97 -4.75 -18.25
N GLN A 116 -25.34 -5.64 -19.03
CA GLN A 116 -25.69 -7.04 -19.01
C GLN A 116 -24.84 -7.88 -18.08
N PHE A 117 -23.99 -7.27 -17.25
CA PHE A 117 -23.21 -7.99 -16.26
C PHE A 117 -23.51 -7.44 -14.88
N THR A 118 -23.56 -8.34 -13.90
CA THR A 118 -23.81 -7.93 -12.54
C THR A 118 -22.55 -7.32 -11.93
N VAL A 119 -22.73 -6.62 -10.81
CA VAL A 119 -21.58 -6.05 -10.12
C VAL A 119 -20.57 -7.14 -9.76
N ILE A 120 -21.05 -8.29 -9.30
CA ILE A 120 -20.11 -9.33 -8.89
C ILE A 120 -19.34 -9.87 -10.10
N GLN A 121 -19.97 -9.93 -11.27
CA GLN A 121 -19.26 -10.33 -12.49
C GLN A 121 -18.20 -9.30 -12.87
N LEU A 122 -18.55 -8.02 -12.81
CA LEU A 122 -17.58 -6.97 -13.11
C LEU A 122 -16.42 -6.98 -12.12
N VAL A 123 -16.72 -7.21 -10.84
CA VAL A 123 -15.67 -7.30 -9.84
C VAL A 123 -14.75 -8.48 -10.13
N GLY A 124 -15.31 -9.60 -10.59
CA GLY A 124 -14.49 -10.73 -10.97
C GLY A 124 -13.52 -10.39 -12.11
N MET A 125 -14.00 -9.65 -13.11
CA MET A 125 -13.12 -9.19 -14.18
C MET A 125 -12.02 -8.29 -13.60
N LEU A 126 -12.40 -7.34 -12.75
CA LEU A 126 -11.42 -6.44 -12.15
C LEU A 126 -10.41 -7.19 -11.30
N ARG A 127 -10.86 -8.23 -10.60
CA ARG A 127 -9.92 -9.00 -9.78
C ARG A 127 -8.94 -9.76 -10.65
N GLY A 128 -9.42 -10.32 -11.77
CA GLY A 128 -8.50 -11.00 -12.68
C GLY A 128 -7.46 -10.05 -13.23
N ILE A 129 -7.88 -8.87 -13.66
CA ILE A 129 -6.94 -7.89 -14.19
C ILE A 129 -5.93 -7.51 -13.13
N ALA A 130 -6.40 -7.28 -11.91
CA ALA A 130 -5.50 -6.90 -10.83
C ALA A 130 -4.50 -8.01 -10.53
N SER A 131 -4.94 -9.27 -10.60
CA SER A 131 -4.03 -10.39 -10.37
C SER A 131 -2.96 -10.47 -11.46
N GLY A 132 -3.35 -10.30 -12.73
CA GLY A 132 -2.36 -10.22 -13.78
C GLY A 132 -1.35 -9.10 -13.55
N MET A 133 -1.85 -7.93 -13.16
CA MET A 133 -0.95 -6.80 -12.89
C MET A 133 -0.07 -7.05 -11.68
N ARG A 134 -0.61 -7.69 -10.65
N ARG A 134 -0.62 -7.68 -10.65
CA ARG A 134 0.23 -8.06 -9.51
CA ARG A 134 0.20 -8.08 -9.50
C ARG A 134 1.38 -8.96 -9.95
C ARG A 134 1.37 -8.95 -9.95
N TYR A 135 1.11 -9.88 -10.87
CA TYR A 135 2.15 -10.76 -11.37
C TYR A 135 3.21 -9.98 -12.15
N LEU A 136 2.77 -9.08 -13.03
CA LEU A 136 3.73 -8.26 -13.78
C LEU A 136 4.56 -7.39 -12.85
N ALA A 137 3.91 -6.76 -11.87
CA ALA A 137 4.64 -5.90 -10.94
C ALA A 137 5.64 -6.72 -10.14
N GLU A 138 5.26 -7.94 -9.76
CA GLU A 138 6.16 -8.78 -8.98
C GLU A 138 7.44 -9.10 -9.73
N MET A 139 7.34 -9.26 -11.05
N MET A 139 7.36 -9.28 -11.04
CA MET A 139 8.45 -9.47 -11.96
CA MET A 139 8.59 -9.47 -11.80
C MET A 139 9.20 -8.19 -12.32
C MET A 139 9.13 -8.17 -12.38
N SER A 140 8.78 -7.04 -11.79
CA SER A 140 9.34 -5.74 -12.15
C SER A 140 9.07 -5.34 -13.59
N TYR A 141 7.94 -5.80 -14.15
CA TYR A 141 7.55 -5.40 -15.50
C TYR A 141 6.52 -4.29 -15.37
N VAL A 142 6.84 -3.11 -15.92
CA VAL A 142 5.93 -1.97 -15.93
C VAL A 142 5.22 -1.98 -17.28
N HIS A 143 3.89 -1.99 -17.26
CA HIS A 143 3.13 -2.16 -18.49
C HIS A 143 3.15 -0.89 -19.34
N ARG A 144 2.86 0.26 -18.72
N ARG A 144 2.87 0.26 -18.71
CA ARG A 144 2.90 1.59 -19.31
CA ARG A 144 2.91 1.59 -19.32
C ARG A 144 1.67 1.96 -20.14
C ARG A 144 1.65 1.96 -20.10
N ASP A 145 0.87 0.98 -20.54
CA ASP A 145 -0.33 1.30 -21.31
C ASP A 145 -1.51 0.45 -20.89
N LEU A 146 -1.71 0.29 -19.59
CA LEU A 146 -2.85 -0.47 -19.11
C LEU A 146 -4.14 0.31 -19.37
N ALA A 147 -5.07 -0.33 -20.06
CA ALA A 147 -6.33 0.28 -20.50
C ALA A 147 -7.26 -0.87 -20.89
N ALA A 148 -8.58 -0.63 -20.80
CA ALA A 148 -9.52 -1.69 -21.15
C ALA A 148 -9.34 -2.20 -22.58
N ARG A 149 -8.94 -1.33 -23.51
CA ARG A 149 -8.67 -1.76 -24.89
C ARG A 149 -7.50 -2.74 -24.99
N ASN A 150 -6.65 -2.82 -23.97
CA ASN A 150 -5.53 -3.76 -23.97
C ASN A 150 -5.81 -5.01 -23.14
N ILE A 151 -7.06 -5.25 -22.79
N ILE A 151 -7.07 -5.30 -22.85
CA ILE A 151 -7.47 -6.45 -22.07
CA ILE A 151 -7.45 -6.46 -22.06
C ILE A 151 -8.31 -7.27 -23.03
C ILE A 151 -8.40 -7.31 -22.89
N LEU A 152 -8.04 -8.58 -23.08
CA LEU A 152 -8.84 -9.50 -23.88
C LEU A 152 -9.71 -10.35 -22.95
N VAL A 153 -10.86 -10.78 -23.47
CA VAL A 153 -11.86 -11.48 -22.67
C VAL A 153 -12.16 -12.79 -23.36
N ASN A 154 -12.04 -13.90 -22.63
CA ASN A 154 -12.37 -15.18 -23.23
C ASN A 154 -13.84 -15.51 -23.06
N SER A 155 -14.24 -16.71 -23.50
CA SER A 155 -15.65 -17.09 -23.48
C SER A 155 -16.18 -17.29 -22.07
N ASN A 156 -15.30 -17.45 -21.07
CA ASN A 156 -15.71 -17.59 -19.68
C ASN A 156 -15.55 -16.29 -18.90
N LEU A 157 -15.40 -15.16 -19.60
CA LEU A 157 -15.23 -13.83 -19.03
C LEU A 157 -13.90 -13.64 -18.32
N VAL A 158 -12.94 -14.55 -18.50
CA VAL A 158 -11.61 -14.35 -17.94
C VAL A 158 -10.90 -13.25 -18.71
N CYS A 159 -10.35 -12.28 -17.98
CA CYS A 159 -9.69 -11.13 -18.57
C CYS A 159 -8.18 -11.36 -18.57
N LYS A 160 -7.55 -11.09 -19.71
CA LYS A 160 -6.12 -11.28 -19.84
C LYS A 160 -5.44 -10.00 -20.30
N VAL A 161 -4.53 -9.49 -19.48
CA VAL A 161 -3.78 -8.29 -19.81
C VAL A 161 -2.93 -8.57 -21.05
N SER A 162 -2.97 -7.65 -22.00
CA SER A 162 -2.21 -7.70 -23.24
C SER A 162 -1.60 -6.34 -23.48
N ASP A 163 -0.92 -6.17 -24.61
CA ASP A 163 -0.43 -4.86 -25.00
C ASP A 163 -0.42 -4.82 -26.52
N PHE A 164 -1.31 -4.02 -27.09
CA PHE A 164 -1.47 -3.95 -28.55
C PHE A 164 -0.65 -2.82 -29.16
N GLY A 165 0.14 -2.10 -28.37
CA GLY A 165 0.86 -0.97 -28.91
C GLY A 165 -0.08 0.18 -29.25
N LEU A 166 0.49 1.20 -29.89
CA LEU A 166 -0.29 2.37 -30.30
C LEU A 166 -0.29 2.53 -31.81
N ILE A 187 -2.64 9.35 -28.19
CA ILE A 187 -1.65 9.20 -27.13
C ILE A 187 -2.40 8.98 -25.79
N PRO A 188 -1.99 7.96 -25.01
CA PRO A 188 -2.88 7.47 -23.94
C PRO A 188 -2.91 8.36 -22.70
N ILE A 189 -2.93 9.68 -22.90
CA ILE A 189 -2.85 10.64 -21.79
C ILE A 189 -3.86 10.29 -20.71
N ARG A 190 -5.08 9.92 -21.09
CA ARG A 190 -6.13 9.83 -20.09
C ARG A 190 -6.07 8.57 -19.22
N TRP A 191 -5.21 7.61 -19.57
CA TRP A 191 -4.94 6.46 -18.71
C TRP A 191 -3.65 6.61 -17.92
N THR A 192 -2.90 7.69 -18.10
CA THR A 192 -1.54 7.78 -17.62
C THR A 192 -1.45 8.67 -16.37
N ALA A 193 -0.66 8.20 -15.40
CA ALA A 193 -0.48 8.95 -14.16
C ALA A 193 0.20 10.28 -14.45
N PRO A 194 -0.10 11.31 -13.65
CA PRO A 194 0.46 12.65 -13.93
C PRO A 194 1.99 12.67 -13.99
N GLU A 195 2.66 11.93 -13.10
CA GLU A 195 4.12 11.94 -13.11
C GLU A 195 4.70 11.21 -14.31
N ALA A 196 3.92 10.31 -14.91
CA ALA A 196 4.39 9.65 -16.12
C ALA A 196 4.16 10.53 -17.34
N ILE A 197 3.11 11.35 -17.31
CA ILE A 197 2.90 12.35 -18.36
C ILE A 197 4.00 13.39 -18.32
N ALA A 198 4.27 13.94 -17.14
CA ALA A 198 5.15 15.10 -17.02
C ALA A 198 6.62 14.74 -17.14
N PHE A 199 7.05 13.68 -16.47
CA PHE A 199 8.46 13.35 -16.38
C PHE A 199 8.80 11.96 -16.88
N ARG A 200 7.86 11.28 -17.51
CA ARG A 200 8.09 9.93 -17.99
C ARG A 200 8.53 8.98 -16.88
N LYS A 201 8.07 9.21 -15.67
CA LYS A 201 8.35 8.32 -14.55
C LYS A 201 7.32 7.20 -14.56
N PHE A 202 7.60 6.15 -15.30
CA PHE A 202 6.72 4.99 -15.40
C PHE A 202 7.15 3.93 -14.40
N THR A 203 6.25 3.56 -13.49
CA THR A 203 6.51 2.58 -12.46
C THR A 203 5.27 1.71 -12.29
N SER A 204 5.37 0.68 -11.45
CA SER A 204 4.15 -0.05 -11.13
C SER A 204 3.10 0.86 -10.48
N ALA A 205 3.53 1.90 -9.76
CA ALA A 205 2.59 2.84 -9.17
C ALA A 205 1.86 3.65 -10.23
N SER A 206 2.54 4.00 -11.33
CA SER A 206 1.79 4.61 -12.42
C SER A 206 0.85 3.62 -13.10
N ASP A 207 1.25 2.34 -13.17
CA ASP A 207 0.30 1.32 -13.64
C ASP A 207 -0.93 1.24 -12.75
N VAL A 208 -0.77 1.47 -11.44
CA VAL A 208 -1.93 1.46 -10.55
C VAL A 208 -2.90 2.59 -10.89
N TRP A 209 -2.37 3.78 -11.20
CA TRP A 209 -3.23 4.84 -11.69
C TRP A 209 -4.03 4.36 -12.89
N SER A 210 -3.35 3.78 -13.87
CA SER A 210 -4.04 3.24 -15.05
C SER A 210 -5.08 2.21 -14.65
N TYR A 211 -4.74 1.34 -13.71
CA TYR A 211 -5.70 0.34 -13.25
C TYR A 211 -6.97 1.00 -12.72
N GLY A 212 -6.84 2.10 -11.98
CA GLY A 212 -8.01 2.80 -11.51
C GLY A 212 -8.88 3.28 -12.67
N ILE A 213 -8.25 3.77 -13.74
CA ILE A 213 -9.00 4.13 -14.94
C ILE A 213 -9.71 2.91 -15.52
N VAL A 214 -9.01 1.77 -15.60
CA VAL A 214 -9.64 0.54 -16.07
C VAL A 214 -10.85 0.19 -15.22
N MET A 215 -10.75 0.33 -13.89
CA MET A 215 -11.90 0.09 -13.02
C MET A 215 -13.09 0.93 -13.44
N TRP A 216 -12.84 2.21 -13.72
CA TRP A 216 -13.91 3.11 -14.14
C TRP A 216 -14.47 2.71 -15.49
N GLU A 217 -13.60 2.35 -16.44
CA GLU A 217 -14.08 1.85 -17.74
C GLU A 217 -14.97 0.63 -17.56
N VAL A 218 -14.59 -0.30 -16.68
CA VAL A 218 -15.38 -1.51 -16.48
C VAL A 218 -16.73 -1.19 -15.86
N MET A 219 -16.74 -0.41 -14.78
CA MET A 219 -17.99 -0.13 -14.09
C MET A 219 -18.90 0.79 -14.91
N SER A 220 -18.35 1.49 -15.91
N SER A 220 -18.36 1.49 -15.91
CA SER A 220 -19.13 2.31 -16.83
CA SER A 220 -19.14 2.31 -16.82
C SER A 220 -19.46 1.58 -18.13
C SER A 220 -19.57 1.56 -18.08
N PHE A 221 -19.21 0.29 -18.20
CA PHE A 221 -19.48 -0.51 -19.40
C PHE A 221 -18.84 0.10 -20.65
N GLY A 222 -17.60 0.55 -20.50
CA GLY A 222 -16.80 0.97 -21.63
C GLY A 222 -16.96 2.41 -22.05
N GLU A 223 -17.42 3.29 -21.17
CA GLU A 223 -17.37 4.70 -21.46
C GLU A 223 -15.90 5.14 -21.60
N ARG A 224 -15.70 6.17 -22.42
CA ARG A 224 -14.36 6.73 -22.57
C ARG A 224 -14.00 7.50 -21.30
N PRO A 225 -12.86 7.24 -20.69
CA PRO A 225 -12.44 8.05 -19.54
C PRO A 225 -12.49 9.52 -19.88
N TYR A 226 -13.13 10.30 -19.00
CA TYR A 226 -13.30 11.74 -19.14
C TYR A 226 -14.14 12.13 -20.36
N TRP A 227 -14.96 11.21 -20.86
CA TRP A 227 -15.88 11.52 -21.97
C TRP A 227 -15.13 12.15 -23.14
N ASP A 228 -15.68 13.18 -23.77
CA ASP A 228 -14.99 13.78 -24.90
C ASP A 228 -14.16 15.01 -24.51
N MET A 229 -13.79 15.14 -23.24
CA MET A 229 -12.77 16.11 -22.87
C MET A 229 -11.53 15.90 -23.71
N SER A 230 -10.92 17.00 -24.15
CA SER A 230 -9.65 16.90 -24.83
C SER A 230 -8.56 16.46 -23.85
N ASN A 231 -7.41 16.04 -24.40
CA ASN A 231 -6.29 15.67 -23.55
C ASN A 231 -5.89 16.82 -22.64
N GLN A 232 -5.88 18.05 -23.17
CA GLN A 232 -5.54 19.19 -22.34
C GLN A 232 -6.60 19.42 -21.26
N ASP A 233 -7.88 19.23 -21.59
CA ASP A 233 -8.95 19.29 -20.59
C ASP A 233 -8.72 18.28 -19.48
N VAL A 234 -8.24 17.07 -19.83
CA VAL A 234 -8.03 16.03 -18.82
C VAL A 234 -6.92 16.41 -17.87
N ILE A 235 -5.78 16.83 -18.41
CA ILE A 235 -4.67 17.29 -17.57
C ILE A 235 -5.11 18.43 -16.66
N ASN A 236 -5.89 19.37 -17.22
CA ASN A 236 -6.41 20.47 -16.41
C ASN A 236 -7.30 19.97 -15.29
N ALA A 237 -8.19 19.02 -15.58
CA ALA A 237 -9.10 18.51 -14.56
C ALA A 237 -8.33 17.83 -13.43
N ILE A 238 -7.36 16.98 -13.78
CA ILE A 238 -6.56 16.32 -12.76
C ILE A 238 -5.84 17.35 -11.91
N GLU A 239 -5.34 18.43 -12.53
CA GLU A 239 -4.65 19.46 -11.77
C GLU A 239 -5.58 20.20 -10.82
N GLN A 240 -6.87 20.30 -11.16
CA GLN A 240 -7.88 20.83 -10.24
C GLN A 240 -8.25 19.86 -9.12
N ASP A 241 -7.61 18.69 -9.06
CA ASP A 241 -7.92 17.62 -8.11
C ASP A 241 -9.25 16.95 -8.38
N TYR A 242 -9.82 17.18 -9.56
CA TYR A 242 -11.02 16.45 -9.95
C TYR A 242 -10.66 15.00 -10.23
N ARG A 243 -11.58 14.10 -9.90
CA ARG A 243 -11.45 12.70 -10.26
C ARG A 243 -12.78 12.22 -10.80
N LEU A 244 -12.72 11.24 -11.70
CA LEU A 244 -13.92 10.71 -12.32
C LEU A 244 -14.91 10.23 -11.25
N PRO A 245 -16.20 10.38 -11.51
CA PRO A 245 -17.23 10.09 -10.49
C PRO A 245 -17.60 8.62 -10.50
N PRO A 246 -18.37 8.16 -9.52
CA PRO A 246 -18.86 6.78 -9.56
C PRO A 246 -19.79 6.59 -10.75
N PRO A 247 -19.53 5.59 -11.58
CA PRO A 247 -20.46 5.29 -12.67
C PRO A 247 -21.81 4.88 -12.11
N PRO A 248 -22.87 4.98 -12.92
CA PRO A 248 -24.18 4.51 -12.47
C PRO A 248 -24.12 3.09 -11.91
N ASP A 249 -24.75 2.91 -10.74
CA ASP A 249 -24.86 1.64 -10.04
C ASP A 249 -23.54 1.14 -9.45
N CYS A 250 -22.50 1.95 -9.49
CA CYS A 250 -21.20 1.48 -9.00
C CYS A 250 -21.18 1.52 -7.48
N PRO A 251 -20.82 0.44 -6.80
CA PRO A 251 -20.71 0.47 -5.34
C PRO A 251 -19.72 1.54 -4.89
N THR A 252 -20.08 2.24 -3.81
CA THR A 252 -19.19 3.27 -3.29
C THR A 252 -17.81 2.71 -2.97
N SER A 253 -17.73 1.46 -2.49
CA SER A 253 -16.42 0.94 -2.09
C SER A 253 -15.52 0.74 -3.30
N LEU A 254 -16.09 0.40 -4.46
CA LEU A 254 -15.29 0.30 -5.68
C LEU A 254 -14.80 1.66 -6.13
N HIS A 255 -15.67 2.68 -6.05
CA HIS A 255 -15.23 4.00 -6.44
C HIS A 255 -14.17 4.52 -5.49
N GLN A 256 -14.28 4.21 -4.19
CA GLN A 256 -13.23 4.62 -3.27
C GLN A 256 -11.90 4.00 -3.65
N LEU A 257 -11.92 2.73 -4.08
CA LEU A 257 -10.68 2.10 -4.51
C LEU A 257 -10.10 2.80 -5.73
N MET A 258 -10.97 3.24 -6.66
CA MET A 258 -10.52 4.07 -7.77
C MET A 258 -9.83 5.32 -7.28
N LEU A 259 -10.45 6.03 -6.33
CA LEU A 259 -9.85 7.26 -5.80
C LEU A 259 -8.48 6.96 -5.18
N ASP A 260 -8.35 5.82 -4.49
CA ASP A 260 -7.06 5.44 -3.93
C ASP A 260 -6.01 5.29 -5.02
N CYS A 261 -6.37 4.68 -6.16
CA CYS A 261 -5.44 4.53 -7.27
C CYS A 261 -5.04 5.86 -7.90
N TRP A 262 -5.87 6.89 -7.74
CA TRP A 262 -5.66 8.17 -8.42
C TRP A 262 -5.08 9.24 -7.50
N GLN A 263 -4.36 8.84 -6.46
N GLN A 263 -4.35 8.84 -6.47
CA GLN A 263 -3.69 9.84 -5.65
CA GLN A 263 -3.66 9.81 -5.65
C GLN A 263 -2.52 10.44 -6.42
C GLN A 263 -2.51 10.44 -6.44
N LYS A 264 -2.37 11.77 -6.31
CA LYS A 264 -1.27 12.44 -6.99
C LYS A 264 0.07 11.92 -6.48
N ASP A 265 0.18 11.70 -5.17
CA ASP A 265 1.38 11.11 -4.58
C ASP A 265 1.42 9.63 -4.93
N ARG A 266 2.33 9.26 -5.84
CA ARG A 266 2.39 7.86 -6.29
C ARG A 266 2.68 6.90 -5.14
N ASN A 267 3.39 7.36 -4.09
CA ASN A 267 3.73 6.48 -2.98
C ASN A 267 2.52 6.14 -2.12
N ALA A 268 1.44 6.92 -2.21
CA ALA A 268 0.24 6.69 -1.42
C ALA A 268 -0.75 5.77 -2.10
N ARG A 269 -0.58 5.52 -3.40
CA ARG A 269 -1.45 4.59 -4.10
C ARG A 269 -1.29 3.19 -3.51
N PRO A 270 -2.36 2.40 -3.47
CA PRO A 270 -2.21 0.99 -3.11
C PRO A 270 -1.32 0.30 -4.14
N ARG A 271 -0.59 -0.72 -3.70
CA ARG A 271 0.11 -1.58 -4.62
C ARG A 271 -0.82 -2.70 -5.09
N PHE A 272 -0.45 -3.37 -6.18
CA PHE A 272 -1.34 -4.39 -6.71
C PHE A 272 -1.75 -5.47 -5.71
N PRO A 273 -0.89 -5.98 -4.83
CA PRO A 273 -1.38 -6.97 -3.85
C PRO A 273 -2.44 -6.38 -2.94
N GLN A 274 -2.33 -5.09 -2.60
CA GLN A 274 -3.36 -4.46 -1.79
C GLN A 274 -4.66 -4.27 -2.55
N ILE A 275 -4.57 -4.07 -3.87
CA ILE A 275 -5.79 -3.98 -4.68
C ILE A 275 -6.48 -5.33 -4.73
N VAL A 276 -5.70 -6.40 -4.97
CA VAL A 276 -6.29 -7.73 -5.01
C VAL A 276 -6.96 -8.07 -3.69
N SER A 277 -6.28 -7.76 -2.57
CA SER A 277 -6.86 -7.99 -1.24
C SER A 277 -8.15 -7.22 -1.04
N ALA A 278 -8.20 -5.96 -1.51
CA ALA A 278 -9.41 -5.16 -1.36
C ALA A 278 -10.57 -5.75 -2.15
N LEU A 279 -10.29 -6.20 -3.37
CA LEU A 279 -11.35 -6.80 -4.17
C LEU A 279 -11.81 -8.11 -3.57
N ASP A 280 -10.87 -8.90 -3.02
CA ASP A 280 -11.25 -10.18 -2.42
C ASP A 280 -12.16 -9.97 -1.21
N LYS A 281 -11.96 -8.88 -0.47
CA LYS A 281 -12.85 -8.60 0.65
C LYS A 281 -14.27 -8.31 0.17
N MET A 282 -14.41 -7.54 -0.91
CA MET A 282 -15.73 -7.25 -1.45
C MET A 282 -16.42 -8.52 -1.94
N ILE A 283 -15.65 -9.42 -2.55
CA ILE A 283 -16.21 -10.69 -3.03
C ILE A 283 -16.66 -11.55 -1.85
N ARG A 284 -15.94 -11.48 -0.76
CA ARG A 284 -16.27 -12.23 0.43
C ARG A 284 -17.47 -11.65 1.12
N ASN A 285 -17.60 -10.33 1.10
CA ASN A 285 -18.68 -9.64 1.74
C ASN A 285 -19.47 -8.89 0.70
N PRO A 286 -20.26 -9.60 -0.08
CA PRO A 286 -21.02 -8.93 -1.14
C PRO A 286 -22.06 -7.91 -0.73
N ALA A 287 -22.52 -7.93 0.50
CA ALA A 287 -23.45 -6.96 0.93
C ALA A 287 -22.80 -5.61 0.86
N SER A 288 -21.48 -5.55 1.07
CA SER A 288 -20.80 -4.27 1.01
C SER A 288 -20.82 -3.66 -0.39
N LEU A 289 -21.13 -4.45 -1.41
CA LEU A 289 -21.29 -3.94 -2.76
C LEU A 289 -22.67 -3.35 -3.00
N LYS A 290 -23.59 -3.48 -2.06
CA LYS A 290 -24.92 -2.91 -2.24
C LYS A 290 -24.95 -1.41 -1.99
N ILE A 291 -24.01 -0.88 -1.20
CA ILE A 291 -24.00 0.54 -0.87
C ILE A 291 -23.57 1.32 -2.12
N VAL A 292 -24.51 2.07 -2.69
CA VAL A 292 -24.26 2.92 -3.85
C VAL A 292 -24.51 4.37 -3.46
N ALA A 293 -24.13 5.28 -4.36
CA ALA A 293 -24.32 6.71 -4.11
C ALA A 293 -25.82 7.05 -4.08
N ALA B 12 21.55 16.68 13.63
CA ALA B 12 21.36 16.93 15.05
C ALA B 12 22.12 18.18 15.49
N LYS B 13 21.41 19.11 16.13
CA LYS B 13 22.02 20.34 16.61
C LYS B 13 22.84 20.09 17.87
N GLU B 14 24.08 20.59 17.87
CA GLU B 14 24.97 20.43 19.02
C GLU B 14 24.58 21.39 20.15
N ILE B 15 24.41 20.83 21.35
CA ILE B 15 24.05 21.63 22.52
C ILE B 15 25.27 21.73 23.42
N ASP B 16 25.64 22.96 23.78
CA ASP B 16 26.73 23.16 24.73
C ASP B 16 26.34 22.57 26.09
N VAL B 17 27.20 21.73 26.64
CA VAL B 17 26.91 21.09 27.93
C VAL B 17 26.65 22.09 29.03
N SER B 18 27.17 23.32 28.90
CA SER B 18 26.91 24.31 29.93
C SER B 18 25.44 24.66 30.06
N TYR B 19 24.63 24.39 29.03
CA TYR B 19 23.20 24.68 29.07
C TYR B 19 22.37 23.53 29.63
N VAL B 20 23.01 22.44 30.05
CA VAL B 20 22.32 21.22 30.45
C VAL B 20 22.56 20.96 31.93
N LYS B 21 21.50 20.57 32.62
CA LYS B 21 21.60 20.08 34.00
C LYS B 21 20.79 18.80 34.13
N ILE B 22 21.36 17.82 34.82
CA ILE B 22 20.72 16.55 35.09
C ILE B 22 20.11 16.59 36.48
N GLU B 23 18.85 16.19 36.60
CA GLU B 23 18.13 16.31 37.86
C GLU B 23 17.74 14.99 38.50
N GLU B 24 17.58 13.92 37.74
CA GLU B 24 17.17 12.65 38.31
C GLU B 24 17.35 11.56 37.27
N VAL B 25 17.86 10.41 37.70
CA VAL B 25 17.95 9.24 36.82
C VAL B 25 16.59 8.55 36.83
N ILE B 26 16.01 8.38 35.65
CA ILE B 26 14.67 7.80 35.54
C ILE B 26 14.65 6.44 34.86
N GLY B 27 15.76 6.00 34.27
CA GLY B 27 15.73 4.76 33.53
C GLY B 27 17.12 4.25 33.20
N ALA B 28 17.13 3.18 32.41
CA ALA B 28 18.35 2.44 32.11
C ALA B 28 18.36 2.10 30.63
N GLY B 29 19.42 2.53 29.94
CA GLY B 29 19.61 2.20 28.54
C GLY B 29 20.68 1.12 28.35
N GLU B 30 20.85 0.70 27.10
CA GLU B 30 21.87 -0.30 26.81
C GLU B 30 23.27 0.25 26.90
N PHE B 31 23.44 1.56 26.80
CA PHE B 31 24.75 2.20 26.88
C PHE B 31 24.91 3.14 28.07
N GLY B 32 23.85 3.37 28.84
CA GLY B 32 23.92 4.30 29.95
C GLY B 32 22.59 4.54 30.61
N GLU B 33 22.36 5.78 31.03
CA GLU B 33 21.20 6.13 31.84
C GLU B 33 20.18 6.91 31.01
N VAL B 34 18.96 6.96 31.53
CA VAL B 34 17.92 7.88 31.07
C VAL B 34 17.61 8.82 32.21
N CYS B 35 17.69 10.13 31.96
CA CYS B 35 17.55 11.13 33.01
C CYS B 35 16.53 12.17 32.64
N ARG B 36 15.94 12.79 33.66
CA ARG B 36 15.21 14.03 33.49
C ARG B 36 16.19 15.17 33.77
N GLY B 37 16.06 16.27 33.04
CA GLY B 37 16.96 17.37 33.23
C GLY B 37 16.39 18.68 32.73
N ARG B 38 17.25 19.70 32.71
CA ARG B 38 16.85 21.03 32.28
C ARG B 38 17.80 21.58 31.22
N LEU B 39 17.20 22.24 30.23
CA LEU B 39 17.92 22.85 29.13
C LEU B 39 17.64 24.34 29.17
N LYS B 40 18.68 25.14 29.26
CA LYS B 40 18.54 26.58 29.29
C LYS B 40 19.54 27.18 28.37
N ALA B 41 19.11 27.52 27.16
CA ALA B 41 19.97 28.14 26.18
C ALA B 41 19.91 29.65 26.39
N PRO B 42 20.91 30.37 25.88
CA PRO B 42 21.15 31.82 25.91
C PRO B 42 20.08 32.88 25.74
N GLY B 43 19.24 32.74 24.73
CA GLY B 43 18.12 33.64 24.61
C GLY B 43 16.76 33.03 24.66
N LYS B 44 16.67 31.78 25.11
CA LYS B 44 15.40 31.09 25.20
C LYS B 44 15.07 30.74 26.66
N LYS B 45 13.84 30.37 26.92
CA LYS B 45 13.45 30.05 28.27
C LYS B 45 13.87 28.64 28.60
N GLU B 46 14.01 28.38 29.88
CA GLU B 46 14.42 27.07 30.34
C GLU B 46 13.31 26.06 30.09
N SER B 47 13.70 24.83 29.72
CA SER B 47 12.73 23.77 29.48
C SER B 47 13.21 22.49 30.15
N CYS B 48 12.27 21.59 30.37
N CYS B 48 12.27 21.58 30.37
CA CYS B 48 12.59 20.28 30.89
CA CYS B 48 12.57 20.26 30.91
C CYS B 48 12.87 19.35 29.72
C CYS B 48 12.82 19.31 29.76
N VAL B 49 13.84 18.46 29.91
CA VAL B 49 14.26 17.55 28.85
C VAL B 49 14.42 16.14 29.39
N ALA B 50 14.24 15.16 28.52
CA ALA B 50 14.66 13.81 28.82
C ALA B 50 16.02 13.59 28.16
N ILE B 51 16.90 12.87 28.85
CA ILE B 51 18.29 12.76 28.43
C ILE B 51 18.70 11.30 28.47
N LYS B 52 19.25 10.81 27.36
CA LYS B 52 19.91 9.52 27.30
C LYS B 52 21.40 9.80 27.35
N THR B 53 22.11 9.12 28.25
CA THR B 53 23.53 9.36 28.39
C THR B 53 24.33 8.14 27.93
N LEU B 54 25.49 8.40 27.37
CA LEU B 54 26.48 7.38 27.07
C LEU B 54 27.62 7.59 28.06
N LYS B 55 27.73 6.67 29.01
CA LYS B 55 28.69 6.81 30.10
C LYS B 55 30.11 6.69 29.58
N GLY B 56 31.00 7.55 30.09
CA GLY B 56 32.41 7.51 29.74
C GLY B 56 33.04 6.14 29.92
N GLY B 57 33.97 5.79 29.04
CA GLY B 57 34.56 4.47 29.02
C GLY B 57 34.07 3.56 27.89
N TYR B 58 33.45 4.12 26.86
CA TYR B 58 32.82 3.38 25.78
C TYR B 58 33.77 3.29 24.58
N THR B 59 33.48 2.36 23.69
CA THR B 59 34.25 2.29 22.45
C THR B 59 33.94 3.51 21.58
N GLU B 60 34.83 3.77 20.62
CA GLU B 60 34.54 4.79 19.62
C GLU B 60 33.37 4.37 18.73
N ARG B 61 33.16 3.08 18.66
CA ARG B 61 32.14 2.55 17.81
C ARG B 61 30.78 2.61 18.41
N GLN B 62 30.70 2.11 19.63
CA GLN B 62 29.47 2.08 20.38
C GLN B 62 28.98 3.52 20.37
N ARG B 63 29.91 4.46 20.56
CA ARG B 63 29.57 5.88 20.52
C ARG B 63 28.86 6.22 19.22
N ARG B 64 29.35 5.69 18.10
CA ARG B 64 28.67 5.89 16.83
C ARG B 64 27.32 5.20 16.80
N GLU B 65 27.24 4.00 17.37
CA GLU B 65 25.95 3.32 17.48
C GLU B 65 24.99 4.13 18.33
N PHE B 66 25.48 4.69 19.44
CA PHE B 66 24.66 5.53 20.30
C PHE B 66 24.16 6.77 19.56
N LEU B 67 25.08 7.47 18.90
CA LEU B 67 24.68 8.70 18.21
C LEU B 67 23.89 8.45 16.93
N SER B 68 23.95 7.23 16.38
CA SER B 68 23.13 6.94 15.20
C SER B 68 21.65 7.13 15.50
N GLU B 69 21.22 6.84 16.73
CA GLU B 69 19.84 7.08 17.10
C GLU B 69 19.46 8.54 16.91
N ALA B 70 20.34 9.46 17.32
CA ALA B 70 20.05 10.87 17.13
C ALA B 70 20.00 11.25 15.66
N SER B 71 20.81 10.61 14.82
CA SER B 71 20.75 10.89 13.39
C SER B 71 19.40 10.46 12.82
N ILE B 72 18.91 9.31 13.25
CA ILE B 72 17.59 8.85 12.82
C ILE B 72 16.50 9.81 13.29
N MET B 73 16.51 10.14 14.58
CA MET B 73 15.46 10.98 15.16
C MET B 73 15.43 12.37 14.54
N GLY B 74 16.60 12.92 14.22
CA GLY B 74 16.67 14.26 13.70
C GLY B 74 15.95 14.45 12.37
N GLN B 75 15.69 13.37 11.64
CA GLN B 75 14.94 13.47 10.39
C GLN B 75 13.46 13.71 10.63
N PHE B 76 12.95 13.44 11.81
CA PHE B 76 11.52 13.45 12.09
C PHE B 76 11.13 14.81 12.67
N GLU B 77 10.11 15.42 12.08
CA GLU B 77 9.57 16.69 12.56
C GLU B 77 8.06 16.62 12.34
N HIS B 78 7.32 16.26 13.39
CA HIS B 78 5.88 16.08 13.30
C HIS B 78 5.32 16.25 14.71
N PRO B 79 4.13 16.82 14.85
CA PRO B 79 3.59 17.04 16.20
C PRO B 79 3.32 15.77 17.00
N ASN B 80 3.28 14.61 16.36
CA ASN B 80 3.01 13.36 17.06
C ASN B 80 4.22 12.43 17.08
N ILE B 81 5.42 12.97 16.88
N ILE B 81 5.41 12.98 16.91
CA ILE B 81 6.67 12.25 17.00
CA ILE B 81 6.64 12.21 17.05
C ILE B 81 7.51 12.99 18.02
C ILE B 81 7.54 12.98 18.00
N ILE B 82 8.15 12.24 18.93
CA ILE B 82 8.99 12.87 19.96
C ILE B 82 10.04 13.77 19.29
N ARG B 83 10.21 14.95 19.82
CA ARG B 83 11.11 15.91 19.23
C ARG B 83 12.48 15.90 19.82
N LEU B 84 13.46 15.69 18.98
CA LEU B 84 14.86 15.76 19.38
C LEU B 84 15.25 17.22 19.63
N GLU B 85 15.79 17.49 20.81
CA GLU B 85 16.32 18.83 21.10
C GLU B 85 17.72 18.98 20.54
N GLY B 86 18.53 17.93 20.65
CA GLY B 86 19.88 17.98 20.14
C GLY B 86 20.74 16.96 20.86
N VAL B 87 22.05 17.09 20.65
CA VAL B 87 23.02 16.16 21.20
C VAL B 87 24.15 16.94 21.85
N VAL B 88 24.80 16.28 22.80
CA VAL B 88 26.03 16.78 23.41
C VAL B 88 27.11 15.79 23.03
N THR B 89 28.02 16.20 22.13
CA THR B 89 29.07 15.32 21.61
C THR B 89 30.48 15.85 21.79
N ASN B 90 30.65 17.16 21.98
CA ASN B 90 31.98 17.74 22.17
C ASN B 90 32.56 17.49 23.55
N SER B 91 31.79 16.87 24.45
CA SER B 91 32.24 16.61 25.80
C SER B 91 31.66 15.27 26.27
N MET B 92 32.09 14.85 27.45
CA MET B 92 31.65 13.62 28.07
C MET B 92 30.88 14.00 29.34
N PRO B 93 29.74 13.32 29.60
CA PRO B 93 29.13 12.23 28.85
C PRO B 93 28.52 12.71 27.54
N VAL B 94 28.40 11.79 26.60
CA VAL B 94 27.65 12.05 25.38
C VAL B 94 26.18 11.90 25.70
N MET B 95 25.35 12.76 25.11
CA MET B 95 23.93 12.81 25.47
C MET B 95 23.05 13.04 24.25
N ILE B 96 21.85 12.47 24.32
CA ILE B 96 20.77 12.77 23.39
C ILE B 96 19.64 13.36 24.22
N LEU B 97 19.13 14.52 23.81
CA LEU B 97 18.10 15.24 24.55
C LEU B 97 16.83 15.32 23.73
N THR B 98 15.70 15.01 24.35
CA THR B 98 14.39 15.25 23.77
C THR B 98 13.56 16.12 24.70
N GLU B 99 12.44 16.61 24.17
CA GLU B 99 11.44 17.20 25.04
C GLU B 99 11.02 16.19 26.11
N PHE B 100 10.50 16.72 27.20
CA PHE B 100 10.00 15.93 28.31
C PHE B 100 8.48 16.04 28.29
N MET B 101 7.81 14.92 28.55
CA MET B 101 6.36 14.83 28.40
C MET B 101 5.72 14.61 29.76
N GLU B 102 4.93 15.60 30.21
CA GLU B 102 4.47 15.66 31.61
C GLU B 102 3.77 14.39 32.06
N ASN B 103 3.03 13.73 31.18
CA ASN B 103 2.26 12.56 31.58
C ASN B 103 2.96 11.23 31.30
N GLY B 104 4.20 11.25 30.81
CA GLY B 104 4.94 10.01 30.65
C GLY B 104 4.31 9.07 29.62
N ALA B 105 4.57 7.78 29.80
CA ALA B 105 4.13 6.76 28.85
C ALA B 105 2.63 6.57 28.87
N LEU B 106 2.07 6.28 27.70
CA LEU B 106 0.63 6.23 27.54
C LEU B 106 0.00 5.09 28.31
N ASP B 107 0.64 3.92 28.34
CA ASP B 107 0.01 2.76 28.97
C ASP B 107 -0.16 3.00 30.48
N SER B 108 0.90 3.48 31.14
CA SER B 108 0.82 3.72 32.57
C SER B 108 -0.08 4.93 32.88
N PHE B 109 -0.07 5.93 32.01
CA PHE B 109 -0.96 7.08 32.18
C PHE B 109 -2.42 6.68 32.14
N LEU B 110 -2.78 5.80 31.20
CA LEU B 110 -4.18 5.36 31.12
C LEU B 110 -4.56 4.47 32.28
N ARG B 111 -3.65 3.60 32.74
CA ARG B 111 -3.97 2.76 33.88
C ARG B 111 -4.22 3.59 35.13
N LEU B 112 -3.36 4.59 35.36
CA LEU B 112 -3.56 5.47 36.52
C LEU B 112 -4.88 6.21 36.44
N ASN B 113 -5.30 6.58 35.24
CA ASN B 113 -6.51 7.36 35.00
C ASN B 113 -7.62 6.52 34.37
N ASP B 114 -7.76 5.28 34.83
CA ASP B 114 -8.70 4.32 34.26
C ASP B 114 -10.12 4.86 34.32
N GLY B 115 -10.78 4.87 33.16
CA GLY B 115 -12.13 5.35 33.04
C GLY B 115 -12.30 6.86 33.03
N GLN B 116 -11.20 7.62 33.09
CA GLN B 116 -11.28 9.06 33.27
C GLN B 116 -11.26 9.87 31.98
N PHE B 117 -11.23 9.24 30.81
CA PHE B 117 -11.29 9.96 29.56
C PHE B 117 -12.49 9.48 28.75
N THR B 118 -13.09 10.41 28.02
CA THR B 118 -14.24 10.09 27.19
C THR B 118 -13.78 9.38 25.91
N VAL B 119 -14.74 8.77 25.22
CA VAL B 119 -14.42 8.13 23.94
C VAL B 119 -13.79 9.12 22.98
N ILE B 120 -14.32 10.34 22.92
CA ILE B 120 -13.79 11.31 21.97
C ILE B 120 -12.37 11.72 22.32
N GLN B 121 -12.03 11.77 23.62
CA GLN B 121 -10.66 12.05 24.02
C GLN B 121 -9.73 10.91 23.62
N LEU B 122 -10.17 9.66 23.86
CA LEU B 122 -9.36 8.51 23.47
C LEU B 122 -9.16 8.44 21.97
N VAL B 123 -10.22 8.73 21.20
CA VAL B 123 -10.09 8.77 19.75
C VAL B 123 -9.11 9.87 19.32
N GLY B 124 -9.12 11.01 20.02
CA GLY B 124 -8.15 12.04 19.70
C GLY B 124 -6.72 11.58 19.91
N MET B 125 -6.49 10.81 20.98
CA MET B 125 -5.16 10.24 21.19
C MET B 125 -4.79 9.29 20.07
N LEU B 126 -5.73 8.40 19.70
CA LEU B 126 -5.49 7.44 18.65
C LEU B 126 -5.27 8.13 17.31
N ARG B 127 -5.98 9.23 17.06
CA ARG B 127 -5.78 9.96 15.82
C ARG B 127 -4.39 10.57 15.76
N GLY B 128 -3.91 11.14 16.88
CA GLY B 128 -2.57 11.68 16.89
C GLY B 128 -1.51 10.62 16.66
N ILE B 129 -1.65 9.46 17.33
CA ILE B 129 -0.72 8.35 17.11
C ILE B 129 -0.73 7.94 15.64
N ALA B 130 -1.93 7.81 15.06
CA ALA B 130 -2.04 7.40 13.67
C ALA B 130 -1.40 8.44 12.73
N SER B 131 -1.54 9.73 13.05
CA SER B 131 -0.92 10.75 12.23
C SER B 131 0.61 10.68 12.31
N GLY B 132 1.15 10.47 13.53
CA GLY B 132 2.58 10.25 13.64
C GLY B 132 3.05 9.05 12.85
N MET B 133 2.33 7.93 12.94
CA MET B 133 2.69 6.75 12.16
C MET B 133 2.55 6.98 10.66
N ARG B 134 1.54 7.73 10.24
N ARG B 134 1.53 7.73 10.24
CA ARG B 134 1.42 8.06 8.82
CA ARG B 134 1.39 8.08 8.84
C ARG B 134 2.64 8.83 8.35
C ARG B 134 2.63 8.82 8.36
N TYR B 135 3.12 9.77 9.18
CA TYR B 135 4.33 10.51 8.84
C TYR B 135 5.55 9.58 8.73
N LEU B 136 5.73 8.70 9.71
CA LEU B 136 6.86 7.77 9.67
C LEU B 136 6.79 6.89 8.42
N ALA B 137 5.62 6.34 8.13
CA ALA B 137 5.47 5.46 6.97
C ALA B 137 5.74 6.22 5.67
N GLU B 138 5.29 7.47 5.60
N GLU B 138 5.28 7.48 5.58
CA GLU B 138 5.56 8.31 4.44
CA GLU B 138 5.62 8.30 4.42
C GLU B 138 7.06 8.50 4.24
C GLU B 138 7.12 8.45 4.25
N MET B 139 7.82 8.64 5.33
N MET B 139 7.82 8.62 5.37
CA MET B 139 9.28 8.72 5.32
CA MET B 139 9.27 8.70 5.44
C MET B 139 9.94 7.37 5.15
C MET B 139 9.94 7.37 5.14
N SER B 140 9.17 6.31 4.89
CA SER B 140 9.69 4.96 4.73
C SER B 140 10.42 4.46 5.98
N TYR B 141 9.95 4.89 7.15
CA TYR B 141 10.51 4.45 8.42
C TYR B 141 9.56 3.45 9.04
N VAL B 142 10.05 2.23 9.26
CA VAL B 142 9.29 1.17 9.90
C VAL B 142 9.69 1.15 11.38
N HIS B 143 8.69 1.33 12.26
CA HIS B 143 8.99 1.53 13.68
C HIS B 143 9.45 0.23 14.33
N ARG B 144 8.72 -0.86 14.11
N ARG B 144 8.73 -0.87 14.10
CA ARG B 144 9.00 -2.22 14.58
CA ARG B 144 9.04 -2.22 14.58
C ARG B 144 8.58 -2.50 16.02
C ARG B 144 8.60 -2.49 16.02
N ASP B 145 8.38 -1.45 16.83
CA ASP B 145 8.00 -1.69 18.22
C ASP B 145 6.94 -0.71 18.68
N LEU B 146 5.93 -0.49 17.84
CA LEU B 146 4.83 0.39 18.21
C LEU B 146 4.00 -0.27 19.32
N ALA B 147 3.84 0.42 20.43
CA ALA B 147 3.14 -0.10 21.60
C ALA B 147 2.85 1.11 22.48
N ALA B 148 1.82 1.00 23.33
CA ALA B 148 1.47 2.15 24.16
C ALA B 148 2.61 2.58 25.08
N ARG B 149 3.45 1.64 25.51
CA ARG B 149 4.60 1.99 26.35
C ARG B 149 5.64 2.84 25.60
N ASN B 150 5.59 2.87 24.26
CA ASN B 150 6.50 3.70 23.48
C ASN B 150 5.87 5.01 23.02
N ILE B 151 4.72 5.37 23.60
N ILE B 151 4.76 5.42 23.65
CA ILE B 151 4.03 6.62 23.31
CA ILE B 151 4.06 6.64 23.27
C ILE B 151 4.16 7.49 24.56
C ILE B 151 3.98 7.54 24.50
N LEU B 152 4.49 8.76 24.37
CA LEU B 152 4.54 9.71 25.48
C LEU B 152 3.37 10.68 25.36
N VAL B 153 2.91 11.19 26.49
CA VAL B 153 1.72 12.02 26.53
C VAL B 153 2.08 13.33 27.22
N ASN B 154 1.79 14.46 26.57
CA ASN B 154 2.09 15.75 27.19
C ASN B 154 0.89 16.21 28.03
N SER B 155 1.03 17.41 28.61
CA SER B 155 0.00 17.92 29.52
C SER B 155 -1.32 18.21 28.83
N ASN B 156 -1.32 18.37 27.51
CA ASN B 156 -2.53 18.60 26.74
C ASN B 156 -3.07 17.33 26.10
N LEU B 157 -2.62 16.18 26.57
CA LEU B 157 -3.01 14.85 26.07
C LEU B 157 -2.52 14.55 24.66
N VAL B 158 -1.58 15.34 24.11
CA VAL B 158 -1.01 15.03 22.81
C VAL B 158 -0.06 13.85 22.94
N CYS B 159 -0.26 12.84 22.08
CA CYS B 159 0.54 11.63 22.12
C CYS B 159 1.65 11.73 21.09
N LYS B 160 2.86 11.33 21.48
CA LYS B 160 4.01 11.42 20.61
C LYS B 160 4.68 10.05 20.52
N VAL B 161 4.77 9.51 19.31
CA VAL B 161 5.42 8.23 19.10
C VAL B 161 6.90 8.37 19.43
N SER B 162 7.41 7.41 20.20
CA SER B 162 8.80 7.36 20.59
C SER B 162 9.28 5.92 20.43
N ASP B 163 10.51 5.65 20.83
CA ASP B 163 11.02 4.28 20.83
C ASP B 163 12.06 4.17 21.93
N PHE B 164 11.71 3.45 22.99
CA PHE B 164 12.59 3.35 24.15
C PHE B 164 13.51 2.14 24.09
N GLY B 165 13.46 1.36 23.02
CA GLY B 165 14.26 0.16 22.97
C GLY B 165 13.72 -0.91 23.91
N LEU B 166 14.57 -1.90 24.16
CA LEU B 166 14.17 -3.01 25.03
C LEU B 166 15.25 -3.36 26.04
N ILE B 187 10.31 -9.72 24.79
CA ILE B 187 10.28 -9.56 23.35
C ILE B 187 8.85 -9.25 22.91
N PRO B 188 8.67 -8.15 22.15
CA PRO B 188 7.33 -7.58 21.98
C PRO B 188 6.36 -8.44 21.17
N ILE B 189 6.33 -9.75 21.44
CA ILE B 189 5.56 -10.69 20.61
C ILE B 189 4.12 -10.23 20.44
N ARG B 190 3.49 -9.80 21.52
CA ARG B 190 2.05 -9.56 21.49
C ARG B 190 1.66 -8.27 20.77
N TRP B 191 2.64 -7.42 20.39
CA TRP B 191 2.38 -6.27 19.54
C TRP B 191 2.77 -6.50 18.09
N THR B 192 3.32 -7.67 17.77
CA THR B 192 4.00 -7.86 16.50
C THR B 192 3.14 -8.68 15.53
N ALA B 193 3.11 -8.25 14.27
CA ALA B 193 2.32 -8.96 13.26
C ALA B 193 2.87 -10.37 13.05
N PRO B 194 2.00 -11.32 12.69
CA PRO B 194 2.45 -12.72 12.57
C PRO B 194 3.61 -12.90 11.59
N GLU B 195 3.58 -12.23 10.43
CA GLU B 195 4.67 -12.38 9.48
C GLU B 195 5.96 -11.75 9.97
N ALA B 196 5.88 -10.77 10.88
CA ALA B 196 7.11 -10.22 11.43
C ALA B 196 7.70 -11.13 12.50
N ILE B 197 6.86 -11.87 13.22
CA ILE B 197 7.34 -12.86 14.18
C ILE B 197 8.00 -14.01 13.43
N ALA B 198 7.30 -14.56 12.43
CA ALA B 198 7.73 -15.80 11.81
C ALA B 198 8.91 -15.59 10.87
N PHE B 199 8.96 -14.47 10.15
CA PHE B 199 9.94 -14.30 9.08
C PHE B 199 10.70 -12.99 9.14
N ARG B 200 10.57 -12.22 10.22
CA ARG B 200 11.22 -10.91 10.35
C ARG B 200 10.85 -9.97 9.20
N LYS B 201 9.65 -10.14 8.64
CA LYS B 201 9.15 -9.27 7.58
C LYS B 201 8.51 -8.05 8.24
N PHE B 202 9.31 -7.02 8.48
CA PHE B 202 8.86 -5.80 9.14
C PHE B 202 8.58 -4.74 8.08
N THR B 203 7.35 -4.28 8.01
CA THR B 203 6.92 -3.28 7.03
C THR B 203 6.00 -2.30 7.72
N SER B 204 5.58 -1.25 7.00
CA SER B 204 4.57 -0.39 7.57
C SER B 204 3.28 -1.16 7.85
N ALA B 205 3.01 -2.21 7.07
CA ALA B 205 1.83 -3.04 7.32
C ALA B 205 1.94 -3.84 8.61
N SER B 206 3.15 -4.25 9.00
CA SER B 206 3.28 -4.84 10.34
C SER B 206 3.15 -3.78 11.42
N ASP B 207 3.60 -2.53 11.15
CA ASP B 207 3.30 -1.45 12.09
C ASP B 207 1.79 -1.23 12.24
N VAL B 208 1.02 -1.44 11.18
CA VAL B 208 -0.41 -1.27 11.27
C VAL B 208 -1.04 -2.29 12.21
N TRP B 209 -0.56 -3.54 12.16
CA TRP B 209 -0.99 -4.53 13.14
C TRP B 209 -0.72 -4.02 14.55
N SER B 210 0.51 -3.55 14.79
CA SER B 210 0.86 -3.02 16.10
C SER B 210 -0.04 -1.86 16.47
N TYR B 211 -0.35 -0.99 15.50
CA TYR B 211 -1.25 0.13 15.78
C TYR B 211 -2.61 -0.37 16.27
N GLY B 212 -3.14 -1.45 15.66
CA GLY B 212 -4.37 -2.02 16.15
C GLY B 212 -4.28 -2.48 17.60
N ILE B 213 -3.15 -3.08 17.97
CA ILE B 213 -2.92 -3.43 19.38
C ILE B 213 -2.94 -2.18 20.25
N VAL B 214 -2.28 -1.11 19.79
CA VAL B 214 -2.30 0.16 20.54
C VAL B 214 -3.73 0.67 20.72
N MET B 215 -4.56 0.56 19.67
CA MET B 215 -5.96 0.97 19.80
C MET B 215 -6.63 0.20 20.93
N TRP B 216 -6.41 -1.11 20.99
CA TRP B 216 -7.00 -1.92 22.05
C TRP B 216 -6.46 -1.52 23.43
N GLU B 217 -5.14 -1.28 23.52
CA GLU B 217 -4.55 -0.81 24.78
C GLU B 217 -5.20 0.50 25.22
N VAL B 218 -5.40 1.43 24.29
CA VAL B 218 -5.98 2.72 24.64
C VAL B 218 -7.43 2.55 25.11
N MET B 219 -8.24 1.82 24.34
CA MET B 219 -9.65 1.70 24.69
C MET B 219 -9.88 0.85 25.92
N SER B 220 -8.88 0.06 26.32
N SER B 220 -8.88 0.05 26.32
CA SER B 220 -8.93 -0.74 27.55
CA SER B 220 -8.93 -0.74 27.55
C SER B 220 -8.22 -0.05 28.71
C SER B 220 -8.30 -0.03 28.73
N PHE B 221 -7.85 1.22 28.54
CA PHE B 221 -7.15 1.98 29.59
C PHE B 221 -5.89 1.27 30.08
N GLY B 222 -5.11 0.72 29.15
CA GLY B 222 -3.83 0.18 29.49
C GLY B 222 -3.82 -1.26 29.95
N GLU B 223 -4.84 -2.04 29.60
CA GLU B 223 -4.76 -3.47 29.81
C GLU B 223 -3.63 -4.05 28.96
N ARG B 224 -2.99 -5.10 29.48
N ARG B 224 -3.00 -5.09 29.47
CA ARG B 224 -1.96 -5.79 28.70
CA ARG B 224 -1.98 -5.81 28.71
C ARG B 224 -2.65 -6.56 27.57
C ARG B 224 -2.65 -6.56 27.57
N PRO B 225 -2.16 -6.43 26.34
CA PRO B 225 -2.74 -7.20 25.23
C PRO B 225 -2.70 -8.69 25.56
N TYR B 226 -3.84 -9.35 25.37
CA TYR B 226 -4.02 -10.79 25.63
C TYR B 226 -3.88 -11.16 27.10
N TRP B 227 -4.02 -10.18 27.99
CA TRP B 227 -4.05 -10.44 29.46
C TRP B 227 -2.76 -11.19 29.83
N ASP B 228 -2.79 -12.16 30.74
N ASP B 228 -2.86 -12.21 30.69
CA ASP B 228 -1.57 -12.88 31.08
CA ASP B 228 -1.70 -12.95 31.16
C ASP B 228 -1.40 -14.18 30.29
C ASP B 228 -1.36 -14.16 30.27
N MET B 229 -1.92 -14.25 29.06
CA MET B 229 -1.53 -15.30 28.14
C MET B 229 -0.01 -15.26 27.97
N SER B 230 0.62 -16.43 27.93
CA SER B 230 2.02 -16.48 27.56
C SER B 230 2.20 -16.07 26.10
N ASN B 231 3.46 -15.79 25.73
CA ASN B 231 3.76 -15.48 24.33
C ASN B 231 3.33 -16.61 23.41
N GLN B 232 3.56 -17.87 23.82
CA GLN B 232 3.13 -19.00 23.02
C GLN B 232 1.61 -19.08 22.94
N ASP B 233 0.92 -18.80 24.04
CA ASP B 233 -0.55 -18.71 24.03
C ASP B 233 -1.02 -17.68 23.00
N VAL B 234 -0.32 -16.54 22.91
CA VAL B 234 -0.73 -15.48 21.99
C VAL B 234 -0.55 -15.91 20.54
N ILE B 235 0.60 -16.49 20.22
CA ILE B 235 0.82 -17.01 18.87
C ILE B 235 -0.23 -18.06 18.54
N ASN B 236 -0.53 -18.94 19.49
CA ASN B 236 -1.55 -19.97 19.27
C ASN B 236 -2.92 -19.34 19.03
N ALA B 237 -3.27 -18.30 19.80
CA ALA B 237 -4.56 -17.66 19.64
C ALA B 237 -4.70 -17.04 18.26
N ILE B 238 -3.69 -16.29 17.83
CA ILE B 238 -3.72 -15.67 16.51
C ILE B 238 -3.87 -16.74 15.43
N GLU B 239 -3.17 -17.87 15.60
CA GLU B 239 -3.28 -18.96 14.62
C GLU B 239 -4.69 -19.53 14.55
N GLN B 240 -5.41 -19.53 15.67
CA GLN B 240 -6.82 -19.91 15.68
C GLN B 240 -7.74 -18.86 15.07
N ASP B 241 -7.17 -17.77 14.53
CA ASP B 241 -7.93 -16.64 14.00
C ASP B 241 -8.67 -15.87 15.09
N TYR B 242 -8.31 -16.09 16.35
CA TYR B 242 -8.86 -15.30 17.43
C TYR B 242 -8.30 -13.88 17.35
N ARG B 243 -9.13 -12.90 17.73
CA ARG B 243 -8.70 -11.53 17.82
C ARG B 243 -9.29 -10.92 19.09
N LEU B 244 -8.55 -9.98 19.66
CA LEU B 244 -8.96 -9.39 20.93
C LEU B 244 -10.35 -8.77 20.80
N PRO B 245 -11.16 -8.83 21.86
CA PRO B 245 -12.55 -8.38 21.79
C PRO B 245 -12.66 -6.89 22.01
N PRO B 246 -13.84 -6.31 21.76
CA PRO B 246 -14.03 -4.89 22.07
C PRO B 246 -13.91 -4.64 23.56
N PRO B 247 -13.05 -3.71 23.98
CA PRO B 247 -12.95 -3.38 25.40
C PRO B 247 -14.27 -2.81 25.89
N PRO B 248 -14.50 -2.86 27.20
CA PRO B 248 -15.71 -2.25 27.76
C PRO B 248 -15.93 -0.83 27.24
N ASP B 249 -17.15 -0.57 26.79
CA ASP B 249 -17.60 0.74 26.30
C ASP B 249 -16.99 1.13 24.96
N CYS B 250 -16.24 0.24 24.33
CA CYS B 250 -15.59 0.60 23.08
C CYS B 250 -16.62 0.61 21.95
N PRO B 251 -16.71 1.70 21.18
CA PRO B 251 -17.62 1.70 20.03
C PRO B 251 -17.28 0.59 19.05
N THR B 252 -18.33 -0.05 18.52
CA THR B 252 -18.14 -1.12 17.55
C THR B 252 -17.27 -0.67 16.38
N SER B 253 -17.46 0.58 15.92
CA SER B 253 -16.71 1.03 14.75
C SER B 253 -15.21 1.11 15.03
N LEU B 254 -14.83 1.41 16.28
CA LEU B 254 -13.41 1.38 16.64
C LEU B 254 -12.87 -0.04 16.69
N HIS B 255 -13.65 -0.96 17.28
CA HIS B 255 -13.21 -2.34 17.29
C HIS B 255 -13.11 -2.91 15.88
N GLN B 256 -14.04 -2.55 14.99
CA GLN B 256 -13.93 -3.00 13.60
C GLN B 256 -12.64 -2.50 12.96
N LEU B 257 -12.22 -1.28 13.28
CA LEU B 257 -10.96 -0.79 12.76
C LEU B 257 -9.78 -1.59 13.30
N MET B 258 -9.83 -2.00 14.57
CA MET B 258 -8.83 -2.92 15.10
C MET B 258 -8.77 -4.21 14.29
N LEU B 259 -9.94 -4.81 14.02
CA LEU B 259 -9.98 -6.04 13.24
C LEU B 259 -9.39 -5.83 11.85
N ASP B 260 -9.62 -4.66 11.26
CA ASP B 260 -9.00 -4.36 9.97
C ASP B 260 -7.47 -4.38 10.07
N CYS B 261 -6.92 -3.79 11.14
CA CYS B 261 -5.48 -3.77 11.32
C CYS B 261 -4.91 -5.16 11.56
N TRP B 262 -5.72 -6.09 12.06
CA TRP B 262 -5.26 -7.42 12.42
C TRP B 262 -5.60 -8.46 11.37
N GLN B 263 -5.80 -8.05 10.13
CA GLN B 263 -5.92 -9.04 9.07
C GLN B 263 -4.63 -9.85 8.99
N LYS B 264 -4.78 -11.18 8.86
CA LYS B 264 -3.62 -12.04 8.76
C LYS B 264 -2.80 -11.69 7.53
N ASP B 265 -3.47 -11.47 6.40
CA ASP B 265 -2.78 -11.04 5.18
C ASP B 265 -2.41 -9.57 5.33
N ARG B 266 -1.09 -9.28 5.35
CA ARG B 266 -0.66 -7.90 5.52
C ARG B 266 -1.18 -6.98 4.43
N ASN B 267 -1.40 -7.52 3.22
CA ASN B 267 -1.91 -6.71 2.11
C ASN B 267 -3.37 -6.32 2.26
N ALA B 268 -4.09 -6.94 3.20
CA ALA B 268 -5.48 -6.65 3.45
C ALA B 268 -5.66 -5.59 4.52
N ARG B 269 -4.59 -5.24 5.24
CA ARG B 269 -4.68 -4.24 6.30
C ARG B 269 -4.80 -2.85 5.69
N PRO B 270 -5.46 -1.92 6.36
CA PRO B 270 -5.46 -0.54 5.89
C PRO B 270 -4.06 0.06 6.00
N ARG B 271 -3.82 1.07 5.19
CA ARG B 271 -2.62 1.90 5.31
C ARG B 271 -2.88 3.05 6.28
N PHE B 272 -1.79 3.58 6.83
CA PHE B 272 -1.95 4.65 7.83
C PHE B 272 -2.79 5.83 7.38
N PRO B 273 -2.70 6.34 6.15
CA PRO B 273 -3.61 7.42 5.76
C PRO B 273 -5.08 7.01 5.82
N GLN B 274 -5.38 5.73 5.52
CA GLN B 274 -6.76 5.26 5.64
C GLN B 274 -7.21 5.21 7.09
N ILE B 275 -6.30 4.88 8.02
CA ILE B 275 -6.65 4.87 9.43
C ILE B 275 -6.96 6.28 9.91
N VAL B 276 -6.12 7.25 9.52
CA VAL B 276 -6.37 8.64 9.90
C VAL B 276 -7.72 9.09 9.35
N SER B 277 -7.99 8.78 8.08
CA SER B 277 -9.28 9.17 7.50
C SER B 277 -10.43 8.51 8.23
N ALA B 278 -10.29 7.24 8.59
CA ALA B 278 -11.37 6.54 9.30
C ALA B 278 -11.65 7.17 10.64
N LEU B 279 -10.60 7.52 11.39
CA LEU B 279 -10.77 8.17 12.67
C LEU B 279 -11.38 9.56 12.50
N ASP B 280 -10.96 10.29 11.46
CA ASP B 280 -11.52 11.62 11.24
C ASP B 280 -13.00 11.55 10.92
N LYS B 281 -13.41 10.51 10.19
CA LYS B 281 -14.83 10.33 9.90
C LYS B 281 -15.63 10.08 11.16
N MET B 282 -15.09 9.29 12.10
CA MET B 282 -15.77 9.09 13.38
C MET B 282 -15.86 10.40 14.16
N ILE B 283 -14.80 11.21 14.11
CA ILE B 283 -14.81 12.49 14.81
C ILE B 283 -15.86 13.43 14.23
N ARG B 284 -16.05 13.40 12.91
CA ARG B 284 -17.05 14.26 12.27
C ARG B 284 -18.47 13.77 12.50
N ASN B 285 -18.66 12.47 12.67
CA ASN B 285 -19.99 11.88 12.90
C ASN B 285 -19.96 11.16 14.25
N PRO B 286 -19.89 11.92 15.36
CA PRO B 286 -19.73 11.28 16.67
C PRO B 286 -20.91 10.40 17.07
N ALA B 287 -22.03 10.46 16.34
CA ALA B 287 -23.10 9.51 16.58
C ALA B 287 -22.65 8.07 16.35
N SER B 288 -21.72 7.87 15.41
CA SER B 288 -21.20 6.54 15.14
C SER B 288 -20.42 5.97 16.31
N LEU B 289 -19.92 6.82 17.21
CA LEU B 289 -19.14 6.38 18.36
C LEU B 289 -20.00 5.98 19.54
N LYS B 290 -21.32 6.09 19.44
CA LYS B 290 -22.19 5.71 20.54
C LYS B 290 -22.72 4.28 20.40
N ILE B 291 -22.49 3.65 19.26
CA ILE B 291 -22.94 2.28 19.02
C ILE B 291 -21.92 1.33 19.63
N VAL B 292 -22.33 0.60 20.66
CA VAL B 292 -21.46 -0.31 21.40
C VAL B 292 -22.11 -1.69 21.38
N ALA B 293 -21.32 -2.71 21.70
CA ALA B 293 -21.82 -4.08 21.79
C ALA B 293 -23.00 -4.20 22.75
FBI DWT C . 2.37 -7.65 -20.54
CBH DWT C . 1.59 -7.98 -21.51
FBJ DWT C . 0.69 -7.32 -21.56
FBK DWT C . 1.31 -9.09 -21.47
CBF DWT C . 2.29 -7.77 -22.75
CBD DWT C . 1.81 -8.31 -23.97
CBG DWT C . 3.45 -7.00 -22.83
CBE DWT C . 4.12 -6.79 -24.04
CBC DWT C . 3.62 -7.34 -25.22
CBB DWT C . 2.45 -8.09 -25.21
NAZ DWT C . 2.05 -8.63 -26.40
CAY DWT C . 0.75 -8.85 -26.74
OBA DWT C . -0.21 -8.60 -26.00
CAV DWT C . 0.50 -9.52 -27.96
CAT DWT C . -0.81 -9.93 -28.22
CAW DWT C . 1.49 -9.85 -28.89
CAU DWT C . 1.17 -10.56 -30.07
CAS DWT C . -0.15 -10.96 -30.33
CAX DWT C . -0.49 -11.68 -31.52
CAR DWT C . -1.14 -10.63 -29.39
NAC DWT C . -2.39 -11.04 -29.64
C6 DWT C . -3.38 -10.24 -30.12
N1 DWT C . -4.62 -10.73 -30.04
C5 DWT C . -3.18 -9.03 -30.64
CAH DWT C . -2.12 -8.24 -30.84
NAI DWT C . -2.55 -7.11 -31.41
CAK DWT C . -1.71 -5.96 -31.82
NAJ DWT C . -3.78 -7.16 -31.56
C4 DWT C . -4.23 -8.32 -31.09
N3 DWT C . -5.47 -8.82 -31.02
C2 DWT C . -5.67 -10.02 -30.50
CAL DWT C . -6.95 -10.56 -30.40
CAN DWT C . -8.03 -9.86 -30.92
CAP DWT C . -9.31 -10.42 -30.78
CAQ DWT C . -9.49 -11.63 -30.13
NAO DWT C . -8.40 -12.34 -29.61
CAM DWT C . -7.13 -11.77 -29.74
FBI DWT D . 10.40 7.01 15.55
CBH DWT D . 10.49 7.36 16.74
FBJ DWT D . 9.75 6.77 17.43
FBK DWT D . 10.38 8.44 16.88
CBF DWT D . 11.81 7.01 17.18
CBD DWT D . 12.33 7.53 18.40
CBG DWT D . 12.63 6.16 16.45
CBE DWT D . 13.91 5.83 16.92
CBC DWT D . 14.40 6.35 18.11
CBB DWT D . 13.60 7.20 18.90
NAZ DWT D . 14.17 7.70 20.04
CAY DWT D . 13.46 8.05 21.16
OBA DWT D . 12.24 7.94 21.27
CAV DWT D . 14.16 8.69 22.22
CAT DWT D . 13.42 9.23 23.27
CAW DWT D . 15.55 8.87 22.23
CAU DWT D . 16.18 9.55 23.30
CAS DWT D . 15.42 10.09 24.35
CAX DWT D . 16.05 10.77 25.43
CAR DWT D . 14.04 9.91 24.33
NAC DWT D . 13.33 10.42 25.34
C6 DWT D . 12.84 9.72 26.38
N1 DWT D . 11.93 10.33 27.14
C5 DWT D . 13.22 8.45 26.68
CAH DWT D . 14.06 7.54 26.17
NAI DWT D . 13.97 6.45 26.93
CAK DWT D . 14.76 5.22 26.71
NAJ DWT D . 13.18 6.63 27.84
C4 DWT D . 12.67 7.86 27.75
N3 DWT D . 11.75 8.48 28.51
C2 DWT D . 11.38 9.73 28.21
CAL DWT D . 10.42 10.39 28.97
CAN DWT D . 9.90 9.78 30.12
CAP DWT D . 8.92 10.45 30.87
CAQ DWT D . 8.46 11.70 30.46
NAO DWT D . 8.98 12.30 29.31
CAM DWT D . 9.95 11.64 28.58
C1 EDO E . 13.88 0.48 11.18
O1 EDO E . 14.84 1.16 10.38
C2 EDO E . 13.98 0.95 12.64
O2 EDO E . 13.44 -0.04 13.52
#